data_4JTM
#
_entry.id   4JTM
#
_cell.length_a   113.460
_cell.length_b   113.460
_cell.length_c   24.450
_cell.angle_alpha   90.000
_cell.angle_beta   90.000
_cell.angle_gamma   120.000
#
_symmetry.space_group_name_H-M   'P 61'
#
loop_
_entity.id
_entity.type
_entity.pdbx_description
1 polymer 'Type II secretion system protein D'
2 water water
#
_entity_poly.entity_id   1
_entity_poly.type   'polypeptide(L)'
_entity_poly.pdbx_seq_one_letter_code
;GAMATFTANFKDTDLKSFIETVGANLNKTIIMGPGVQGKVSIRTMTPLNERQYYQLFLNLLEAQGYAVVPMENDVLKVVK
S
;
_entity_poly.pdbx_strand_id   A,B
#
# COMPACT_ATOMS: atom_id res chain seq x y z
N GLY A 1 3.47 -18.44 24.92
CA GLY A 1 4.72 -19.23 24.73
C GLY A 1 5.22 -19.35 23.28
N ALA A 2 4.48 -18.77 22.33
CA ALA A 2 4.72 -18.87 20.89
C ALA A 2 4.60 -17.54 20.15
N MET A 3 4.79 -16.41 20.82
CA MET A 3 4.87 -15.14 20.18
C MET A 3 6.09 -15.01 19.32
N ALA A 4 7.21 -15.55 19.76
CA ALA A 4 8.51 -15.24 19.13
C ALA A 4 8.78 -16.22 18.02
N THR A 5 8.04 -16.02 16.94
CA THR A 5 8.04 -16.97 15.84
C THR A 5 8.22 -16.27 14.49
N PHE A 6 8.53 -14.99 14.48
CA PHE A 6 8.82 -14.28 13.23
C PHE A 6 10.29 -14.44 12.89
N THR A 7 10.57 -14.64 11.62
CA THR A 7 11.93 -14.75 11.10
C THR A 7 12.08 -14.03 9.78
N ALA A 8 13.33 -13.71 9.43
CA ALA A 8 13.65 -13.08 8.14
C ALA A 8 14.96 -13.60 7.62
N ASN A 9 14.97 -13.95 6.33
CA ASN A 9 16.18 -14.30 5.62
C ASN A 9 16.07 -13.92 4.16
N PHE A 10 16.63 -12.76 3.88
CA PHE A 10 16.53 -12.04 2.61
C PHE A 10 17.92 -11.69 2.15
N LYS A 11 18.31 -12.09 0.94
CA LYS A 11 19.60 -11.70 0.38
C LYS A 11 19.39 -11.04 -0.98
N ASP A 12 19.87 -9.82 -1.13
CA ASP A 12 19.82 -9.11 -2.42
C ASP A 12 18.41 -9.07 -3.06
N THR A 13 17.42 -8.74 -2.24
CA THR A 13 16.04 -8.63 -2.70
C THR A 13 15.64 -7.17 -2.82
N ASP A 14 14.70 -6.95 -3.71
CA ASP A 14 14.11 -5.64 -3.88
C ASP A 14 13.46 -5.15 -2.57
N LEU A 15 13.76 -3.91 -2.21
CA LEU A 15 13.12 -3.28 -1.04
C LEU A 15 11.63 -3.36 -1.11
N LYS A 16 11.05 -3.07 -2.25
CA LYS A 16 9.59 -3.20 -2.40
C LYS A 16 9.13 -4.60 -2.11
N SER A 17 9.87 -5.61 -2.60
CA SER A 17 9.49 -6.99 -2.35
CA SER A 17 9.51 -7.02 -2.36
C SER A 17 9.60 -7.33 -0.88
N PHE A 18 10.66 -6.88 -0.25
CA PHE A 18 10.80 -7.05 1.19
C PHE A 18 9.63 -6.45 1.99
N ILE A 19 9.29 -5.22 1.65
CA ILE A 19 8.15 -4.55 2.30
C ILE A 19 6.85 -5.36 2.14
N GLU A 20 6.63 -5.86 0.93
CA GLU A 20 5.44 -6.68 0.63
C GLU A 20 5.44 -7.95 1.41
N THR A 21 6.62 -8.55 1.58
CA THR A 21 6.74 -9.81 2.32
C THR A 21 6.46 -9.58 3.80
N VAL A 22 7.03 -8.52 4.38
CA VAL A 22 6.70 -8.18 5.75
C VAL A 22 5.21 -7.94 5.95
N GLY A 23 4.62 -7.13 5.07
CA GLY A 23 3.19 -6.91 5.11
C GLY A 23 2.41 -8.21 5.15
N ALA A 24 2.72 -9.13 4.25
CA ALA A 24 2.00 -10.40 4.22
C ALA A 24 2.17 -11.13 5.57
N ASN A 25 3.41 -11.10 6.11
CA ASN A 25 3.64 -11.83 7.37
C ASN A 25 2.90 -11.23 8.55
N LEU A 26 2.69 -9.91 8.47
CA LEU A 26 1.93 -9.18 9.49
C LEU A 26 0.42 -9.10 9.19
N ASN A 27 0.01 -9.70 8.07
CA ASN A 27 -1.35 -9.60 7.57
C ASN A 27 -1.80 -8.15 7.41
N LYS A 28 -0.93 -7.36 6.76
CA LYS A 28 -1.20 -5.96 6.49
C LYS A 28 -1.05 -5.67 5.00
N THR A 29 -1.95 -4.86 4.46
CA THR A 29 -1.89 -4.39 3.07
C THR A 29 -0.92 -3.23 3.03
N ILE A 30 -0.02 -3.24 2.07
CA ILE A 30 0.97 -2.16 1.92
C ILE A 30 0.52 -1.10 0.93
N ILE A 31 0.59 0.14 1.35
CA ILE A 31 0.44 1.30 0.49
C ILE A 31 1.84 1.89 0.37
N MET A 32 2.33 2.02 -0.86
CA MET A 32 3.63 2.61 -1.07
C MET A 32 3.53 3.86 -1.82
N GLY A 33 4.19 4.89 -1.26
CA GLY A 33 4.39 6.14 -1.92
C GLY A 33 5.36 6.00 -3.06
N PRO A 34 5.50 7.09 -3.82
CA PRO A 34 6.38 7.06 -4.94
C PRO A 34 7.83 7.07 -4.48
N GLY A 35 8.69 6.50 -5.30
CA GLY A 35 10.11 6.56 -5.01
C GLY A 35 10.57 5.69 -3.86
N VAL A 36 9.80 4.68 -3.54
CA VAL A 36 10.27 3.64 -2.63
C VAL A 36 11.05 2.68 -3.50
N GLN A 37 12.36 2.64 -3.31
CA GLN A 37 13.22 1.78 -4.11
C GLN A 37 14.46 1.34 -3.34
N GLY A 38 15.04 0.21 -3.73
CA GLY A 38 16.35 -0.22 -3.22
C GLY A 38 16.51 -1.72 -3.20
N LYS A 39 17.66 -2.15 -2.67
CA LYS A 39 17.95 -3.56 -2.45
C LYS A 39 18.34 -3.72 -1.00
N VAL A 40 17.95 -4.85 -0.42
CA VAL A 40 18.23 -5.09 1.00
C VAL A 40 18.55 -6.53 1.24
N SER A 41 19.38 -6.76 2.24
CA SER A 41 19.65 -8.09 2.76
C SER A 41 19.41 -7.96 4.26
N ILE A 42 18.74 -8.93 4.84
CA ILE A 42 18.58 -8.88 6.29
C ILE A 42 18.27 -10.24 6.78
N ARG A 43 18.83 -10.56 7.96
CA ARG A 43 18.71 -11.87 8.57
C ARG A 43 18.51 -11.64 10.09
N THR A 44 17.43 -12.19 10.64
CA THR A 44 17.26 -12.30 12.08
C THR A 44 18.19 -13.34 12.68
N MET A 45 18.67 -13.03 13.88
CA MET A 45 19.57 -13.91 14.62
C MET A 45 18.84 -14.86 15.56
N THR A 46 17.68 -14.48 15.99
CA THR A 46 16.82 -15.35 16.74
C THR A 46 15.38 -14.99 16.45
N PRO A 47 14.45 -15.91 16.63
CA PRO A 47 13.09 -15.55 16.25
C PRO A 47 12.53 -14.41 17.10
N LEU A 48 11.71 -13.57 16.47
CA LEU A 48 11.18 -12.30 17.05
C LEU A 48 9.69 -12.37 17.26
N ASN A 49 9.21 -11.65 18.26
CA ASN A 49 7.79 -11.44 18.38
C ASN A 49 7.32 -10.32 17.43
N GLU A 50 6.02 -10.09 17.36
CA GLU A 50 5.48 -9.15 16.38
C GLU A 50 6.05 -7.76 16.62
N ARG A 51 6.12 -7.32 17.85
CA ARG A 51 6.63 -5.97 18.12
C ARG A 51 8.09 -5.84 17.67
N GLN A 52 8.89 -6.86 17.98
CA GLN A 52 10.28 -6.85 17.67
C GLN A 52 10.52 -6.87 16.16
N TYR A 53 9.74 -7.68 15.48
CA TYR A 53 9.81 -7.81 14.05
C TYR A 53 9.40 -6.51 13.37
N TYR A 54 8.28 -5.95 13.80
CA TYR A 54 7.84 -4.69 13.22
C TYR A 54 8.87 -3.60 13.47
N GLN A 55 9.43 -3.55 14.69
CA GLN A 55 10.42 -2.54 14.97
C GLN A 55 11.69 -2.68 14.12
N LEU A 56 12.07 -3.92 13.86
CA LEU A 56 13.23 -4.20 12.98
C LEU A 56 12.94 -3.61 11.59
N PHE A 57 11.76 -3.91 11.10
CA PHE A 57 11.27 -3.37 9.84
C PHE A 57 11.31 -1.84 9.84
N LEU A 58 10.77 -1.22 10.87
CA LEU A 58 10.79 0.25 10.95
C LEU A 58 12.19 0.80 10.95
N ASN A 59 13.07 0.20 11.73
CA ASN A 59 14.48 0.63 11.84
C ASN A 59 15.19 0.51 10.53
N LEU A 60 14.97 -0.58 9.82
CA LEU A 60 15.58 -0.77 8.51
C LEU A 60 15.09 0.30 7.54
N LEU A 61 13.78 0.49 7.49
CA LEU A 61 13.25 1.47 6.57
C LEU A 61 13.69 2.88 6.89
N GLU A 62 13.75 3.22 8.17
CA GLU A 62 14.17 4.56 8.52
C GLU A 62 15.60 4.84 8.05
N ALA A 63 16.47 3.86 8.18
CA ALA A 63 17.83 3.99 7.70
C ALA A 63 17.90 4.24 6.19
N GLN A 64 16.91 3.74 5.46
CA GLN A 64 16.80 3.95 4.01
C GLN A 64 16.14 5.27 3.62
N GLY A 65 15.53 5.94 4.57
CA GLY A 65 14.90 7.21 4.33
C GLY A 65 13.40 7.12 4.26
N TYR A 66 12.81 6.08 4.83
CA TYR A 66 11.37 5.88 4.73
C TYR A 66 10.73 5.76 6.10
N ALA A 67 9.50 6.26 6.18
CA ALA A 67 8.67 6.18 7.35
C ALA A 67 7.54 5.18 7.09
N VAL A 68 7.04 4.62 8.16
CA VAL A 68 5.87 3.77 8.14
C VAL A 68 4.71 4.36 8.96
N VAL A 69 3.54 4.37 8.38
CA VAL A 69 2.33 4.96 8.95
C VAL A 69 1.25 3.87 8.92
N PRO A 70 0.90 3.32 10.07
CA PRO A 70 -0.29 2.48 10.06
C PRO A 70 -1.53 3.25 9.64
N MET A 71 -2.41 2.61 8.89
CA MET A 71 -3.66 3.18 8.54
C MET A 71 -4.78 2.16 8.76
N GLU A 72 -5.98 2.66 8.66
CA GLU A 72 -7.19 1.89 8.86
C GLU A 72 -7.32 0.71 7.90
N ASN A 73 -8.08 -0.30 8.36
CA ASN A 73 -8.31 -1.55 7.68
C ASN A 73 -7.00 -2.30 7.46
N ASP A 74 -6.13 -2.32 8.49
CA ASP A 74 -4.95 -3.18 8.49
C ASP A 74 -4.00 -2.85 7.33
N VAL A 75 -3.72 -1.54 7.18
CA VAL A 75 -2.79 -1.02 6.20
C VAL A 75 -1.51 -0.50 6.90
N LEU A 76 -0.40 -0.73 6.21
CA LEU A 76 0.84 0.01 6.45
C LEU A 76 1.20 0.82 5.25
N LYS A 77 1.38 2.13 5.44
CA LYS A 77 1.82 3.02 4.40
C LYS A 77 3.33 3.28 4.59
N VAL A 78 4.06 3.19 3.50
CA VAL A 78 5.48 3.49 3.49
C VAL A 78 5.70 4.67 2.56
N VAL A 79 6.22 5.74 3.12
CA VAL A 79 6.51 6.94 2.35
C VAL A 79 7.89 7.46 2.67
N LYS A 80 8.43 8.29 1.79
CA LYS A 80 9.67 8.99 2.12
C LYS A 80 9.56 9.78 3.44
N SER A 81 10.57 9.68 4.30
CA SER A 81 10.52 10.26 5.65
C SER A 81 10.30 11.79 5.69
N GLY B 1 -20.96 -5.52 8.58
CA GLY B 1 -21.89 -6.51 7.93
C GLY B 1 -21.93 -6.55 6.40
N ALA B 2 -21.39 -5.53 5.71
CA ALA B 2 -21.50 -5.44 4.26
C ALA B 2 -20.65 -6.54 3.59
N MET B 3 -21.03 -6.97 2.40
CA MET B 3 -20.33 -8.08 1.77
C MET B 3 -18.90 -7.72 1.37
N ALA B 4 -17.97 -8.62 1.63
CA ALA B 4 -16.55 -8.33 1.37
C ALA B 4 -16.12 -9.07 0.11
N THR B 5 -16.27 -8.42 -1.03
CA THR B 5 -16.00 -8.99 -2.35
C THR B 5 -14.98 -8.20 -3.21
N PHE B 6 -14.40 -7.13 -2.68
CA PHE B 6 -13.51 -6.23 -3.42
C PHE B 6 -12.08 -6.63 -3.10
N THR B 7 -11.30 -6.78 -4.15
CA THR B 7 -9.88 -7.08 -4.03
C THR B 7 -9.12 -6.21 -5.02
N ALA B 8 -7.84 -6.09 -4.84
CA ALA B 8 -6.92 -5.43 -5.77
C ALA B 8 -5.62 -6.26 -5.89
N ASN B 9 -5.07 -6.38 -7.08
CA ASN B 9 -3.79 -7.08 -7.23
C ASN B 9 -3.09 -6.56 -8.46
N PHE B 10 -2.46 -5.41 -8.29
CA PHE B 10 -1.83 -4.70 -9.35
C PHE B 10 -0.37 -4.61 -9.05
N LYS B 11 0.44 -4.94 -10.06
CA LYS B 11 1.89 -4.74 -9.97
C LYS B 11 2.37 -3.90 -11.13
N ASP B 12 2.86 -2.69 -10.82
CA ASP B 12 3.42 -1.76 -11.83
C ASP B 12 2.36 -1.51 -12.90
N THR B 13 1.13 -1.26 -12.45
CA THR B 13 0.09 -1.07 -13.38
C THR B 13 0.01 0.42 -13.66
N ASP B 14 -0.41 0.72 -14.89
CA ASP B 14 -0.56 2.09 -15.28
C ASP B 14 -1.54 2.77 -14.34
N LEU B 15 -1.12 3.91 -13.79
CA LEU B 15 -1.96 4.52 -12.80
C LEU B 15 -3.31 5.03 -13.34
N LYS B 16 -3.31 5.60 -14.53
CA LYS B 16 -4.61 6.02 -15.08
C LYS B 16 -5.57 4.86 -15.25
N SER B 17 -5.08 3.72 -15.73
CA SER B 17 -5.94 2.59 -15.96
C SER B 17 -6.47 2.02 -14.65
N PHE B 18 -5.61 2.02 -13.63
CA PHE B 18 -6.01 1.65 -12.26
C PHE B 18 -7.16 2.55 -11.71
N ILE B 19 -7.00 3.85 -11.81
CA ILE B 19 -7.99 4.80 -11.40
C ILE B 19 -9.34 4.56 -12.13
N GLU B 20 -9.26 4.34 -13.45
CA GLU B 20 -10.47 4.06 -14.23
C GLU B 20 -11.12 2.78 -13.74
N THR B 21 -10.32 1.78 -13.44
CA THR B 21 -10.87 0.49 -12.99
C THR B 21 -11.57 0.64 -11.63
N VAL B 22 -10.92 1.32 -10.70
CA VAL B 22 -11.50 1.53 -9.40
C VAL B 22 -12.76 2.37 -9.48
N GLY B 23 -12.72 3.45 -10.24
CA GLY B 23 -13.89 4.26 -10.42
C GLY B 23 -15.09 3.46 -10.91
N ALA B 24 -14.89 2.67 -11.94
CA ALA B 24 -15.90 1.79 -12.46
C ALA B 24 -16.41 0.85 -11.39
N ASN B 25 -15.52 0.29 -10.59
CA ASN B 25 -15.94 -0.64 -9.56
C ASN B 25 -16.76 -0.02 -8.43
N LEU B 26 -16.62 1.31 -8.25
CA LEU B 26 -17.35 2.10 -7.23
C LEU B 26 -18.53 2.86 -7.81
N ASN B 27 -18.82 2.66 -9.10
CA ASN B 27 -19.91 3.44 -9.75
C ASN B 27 -19.72 4.93 -9.58
N LYS B 28 -18.50 5.37 -9.90
CA LYS B 28 -18.15 6.82 -9.96
C LYS B 28 -17.68 7.19 -11.33
N THR B 29 -18.08 8.40 -11.75
CA THR B 29 -17.54 9.05 -12.97
C THR B 29 -16.15 9.58 -12.66
N ILE B 30 -15.16 9.31 -13.49
CA ILE B 30 -13.80 9.72 -13.23
C ILE B 30 -13.39 10.88 -14.13
N ILE B 31 -12.91 11.93 -13.51
CA ILE B 31 -12.26 13.08 -14.21
C ILE B 31 -10.79 13.11 -13.81
N MET B 32 -9.89 13.06 -14.76
CA MET B 32 -8.46 13.06 -14.40
C MET B 32 -7.73 14.24 -15.06
N GLY B 33 -6.91 14.98 -14.33
CA GLY B 33 -6.04 15.98 -14.93
C GLY B 33 -4.97 15.32 -15.81
N PRO B 34 -4.33 16.12 -16.64
CA PRO B 34 -3.32 15.58 -17.54
C PRO B 34 -2.02 15.23 -16.79
N GLY B 35 -1.88 15.68 -15.55
CA GLY B 35 -0.72 15.32 -14.76
C GLY B 35 -0.73 13.94 -14.18
N VAL B 36 -1.87 13.26 -14.25
CA VAL B 36 -1.98 11.92 -13.65
C VAL B 36 -1.21 10.94 -14.51
N GLN B 37 -0.06 10.47 -14.00
CA GLN B 37 0.85 9.60 -14.76
C GLN B 37 1.63 8.66 -13.84
N GLY B 38 2.23 7.62 -14.43
CA GLY B 38 3.14 6.71 -13.72
C GLY B 38 2.50 5.36 -13.42
N LYS B 39 3.05 4.67 -12.41
CA LYS B 39 2.68 3.29 -12.12
C LYS B 39 2.36 3.13 -10.65
N VAL B 40 1.52 2.15 -10.31
CA VAL B 40 1.20 1.92 -8.94
C VAL B 40 1.15 0.42 -8.74
N SER B 41 1.42 -0.03 -7.53
CA SER B 41 1.22 -1.40 -7.17
C SER B 41 0.34 -1.41 -5.92
N ILE B 42 -0.51 -2.41 -5.81
CA ILE B 42 -1.37 -2.57 -4.61
C ILE B 42 -1.89 -3.97 -4.58
N ARG B 43 -1.79 -4.65 -3.45
CA ARG B 43 -2.35 -6.01 -3.30
C ARG B 43 -3.07 -6.09 -1.95
N THR B 44 -4.37 -6.29 -2.00
CA THR B 44 -5.15 -6.49 -0.78
C THR B 44 -4.83 -7.81 -0.12
N MET B 45 -4.70 -7.80 1.19
CA MET B 45 -4.47 -9.04 1.92
C MET B 45 -5.68 -9.91 2.05
N THR B 46 -6.84 -9.28 2.17
CA THR B 46 -8.10 -9.97 2.32
C THR B 46 -9.22 -9.17 1.64
N PRO B 47 -10.28 -9.85 1.22
CA PRO B 47 -11.33 -9.09 0.56
C PRO B 47 -11.95 -8.02 1.44
N LEU B 48 -12.32 -6.94 0.75
CA LEU B 48 -12.83 -5.74 1.38
C LEU B 48 -14.30 -5.53 1.02
N ASN B 49 -15.03 -4.83 1.91
CA ASN B 49 -16.31 -4.33 1.50
C ASN B 49 -16.15 -3.04 0.71
N GLU B 50 -17.24 -2.55 0.15
CA GLU B 50 -17.15 -1.41 -0.76
C GLU B 50 -16.54 -0.19 -0.08
N ARG B 51 -16.97 0.15 1.14
CA ARG B 51 -16.46 1.32 1.79
C ARG B 51 -14.97 1.17 2.03
N GLN B 52 -14.53 -0.02 2.44
CA GLN B 52 -13.10 -0.22 2.72
C GLN B 52 -12.26 -0.11 1.45
N TYR B 53 -12.83 -0.58 0.33
CA TYR B 53 -12.16 -0.46 -0.98
C TYR B 53 -12.05 1.02 -1.37
N TYR B 54 -13.12 1.79 -1.17
CA TYR B 54 -13.09 3.25 -1.41
C TYR B 54 -12.00 3.91 -0.53
N GLN B 55 -11.93 3.51 0.73
CA GLN B 55 -10.95 4.08 1.66
C GLN B 55 -9.55 3.73 1.24
N LEU B 56 -9.34 2.50 0.80
CA LEU B 56 -8.04 2.10 0.30
C LEU B 56 -7.63 2.96 -0.88
N PHE B 57 -8.53 3.13 -1.83
CA PHE B 57 -8.27 3.96 -3.00
C PHE B 57 -7.87 5.38 -2.59
N LEU B 58 -8.63 5.99 -1.70
CA LEU B 58 -8.27 7.33 -1.22
C LEU B 58 -6.92 7.40 -0.57
N ASN B 59 -6.66 6.43 0.29
CA ASN B 59 -5.40 6.45 1.04
C ASN B 59 -4.22 6.20 0.12
N LEU B 60 -4.40 5.33 -0.88
CA LEU B 60 -3.36 5.05 -1.86
C LEU B 60 -3.04 6.24 -2.74
N LEU B 61 -4.09 6.88 -3.20
CA LEU B 61 -3.88 8.02 -4.12
C LEU B 61 -3.21 9.16 -3.38
N GLU B 62 -3.62 9.39 -2.14
CA GLU B 62 -2.96 10.42 -1.34
C GLU B 62 -1.48 10.10 -1.22
N ALA B 63 -1.15 8.87 -0.90
CA ALA B 63 0.24 8.48 -0.78
C ALA B 63 1.03 8.63 -2.08
N GLN B 64 0.36 8.56 -3.22
CA GLN B 64 0.98 8.70 -4.57
C GLN B 64 1.17 10.13 -5.00
N GLY B 65 0.70 11.07 -4.21
CA GLY B 65 0.85 12.42 -4.62
C GLY B 65 -0.33 12.98 -5.40
N TYR B 66 -1.53 12.38 -5.23
CA TYR B 66 -2.73 12.79 -5.93
C TYR B 66 -3.82 13.20 -5.01
N ALA B 67 -4.40 14.30 -5.45
CA ALA B 67 -5.54 14.89 -4.81
C ALA B 67 -6.83 14.31 -5.46
N VAL B 68 -7.74 13.94 -4.62
CA VAL B 68 -8.99 13.27 -5.00
C VAL B 68 -10.18 14.00 -4.39
N VAL B 69 -10.99 14.62 -5.23
CA VAL B 69 -12.12 15.39 -4.68
C VAL B 69 -13.43 14.98 -5.41
N PRO B 70 -14.50 14.77 -4.62
CA PRO B 70 -15.81 14.48 -5.19
C PRO B 70 -16.42 15.73 -5.86
N MET B 71 -17.11 15.49 -6.96
CA MET B 71 -17.83 16.56 -7.64
C MET B 71 -19.26 16.15 -7.93
N GLU B 72 -20.10 17.09 -8.33
CA GLU B 72 -21.52 16.80 -8.51
C GLU B 72 -21.72 15.70 -9.48
N ASN B 73 -22.79 14.96 -9.26
CA ASN B 73 -23.24 13.88 -10.14
C ASN B 73 -22.26 12.72 -10.21
N ASP B 74 -21.84 12.26 -9.02
CA ASP B 74 -21.11 11.02 -8.85
C ASP B 74 -19.73 11.03 -9.45
N VAL B 75 -19.12 12.21 -9.45
CA VAL B 75 -17.78 12.40 -10.00
C VAL B 75 -16.71 12.31 -8.92
N LEU B 76 -15.59 11.65 -9.26
CA LEU B 76 -14.37 11.81 -8.52
C LEU B 76 -13.39 12.41 -9.49
N LYS B 77 -12.74 13.48 -9.08
CA LYS B 77 -11.70 14.08 -9.87
CA LYS B 77 -11.70 14.14 -9.86
C LYS B 77 -10.35 13.88 -9.23
N VAL B 78 -9.40 13.36 -10.02
CA VAL B 78 -8.06 13.06 -9.50
C VAL B 78 -7.06 13.98 -10.18
N VAL B 79 -6.30 14.75 -9.39
CA VAL B 79 -5.25 15.60 -9.97
C VAL B 79 -3.97 15.56 -9.10
N LYS B 80 -2.85 15.98 -9.69
CA LYS B 80 -1.58 16.09 -8.97
C LYS B 80 -1.69 17.05 -7.79
N SER B 81 -1.14 16.63 -6.64
CA SER B 81 -1.47 17.22 -5.32
C SER B 81 -1.20 18.70 -5.10
#